data_3MWU
#
_entry.id   3MWU
#
_cell.length_a   60.020
_cell.length_b   55.970
_cell.length_c   82.210
_cell.angle_alpha   90.00
_cell.angle_beta   104.79
_cell.angle_gamma   90.00
#
_symmetry.space_group_name_H-M   'P 1 21 1'
#
loop_
_entity.id
_entity.type
_entity.pdbx_description
1 polymer 'Calmodulin-domain protein kinase 1'
2 non-polymer 'CALCIUM ION'
3 non-polymer 3-(naphthalen-1-ylmethyl)-1-(piperidin-4-ylmethyl)-1H-pyrazolo[3,4-d]pyrimidin-4-amine
4 water water
#
_entity_poly.entity_id   1
_entity_poly.type   'polypeptide(L)'
_entity_poly.pdbx_seq_one_letter_code
;MHHHHHHSSGRENLYFQGTFAERYNIVCMLGKGSFGEVLKCKDRITQQEYAVKVINKASAKNKDTSTILREVELLKKLDH
PNIMKLFEILEDSSSFYIVGELYTGGELFDEIIKRKRFSEHDAARIIKQVFSGITYMHKHNIVHRDLKPENILLESKEKD
CDIKIIDFGLSTCFQQNTKMKDRIGTAYYIAPEVLRGTYDEKCDVWSAGVILYILLSGTPPFYGKNEYDILKRVETGKYA
FDLPQWRTISDDAKDLIRKMLTFHPSLRITATQCLEHPWIQKYSSETPTISDLPSLESAMTNIRQFQAEKKLAQAALLYM
ASKLTTLDETKQLTEIFRKLDTNNDGMLDRDELVRGYHEFMRLKGVDSNSLIQNEGSTIEDQIDSLMPLLDMDGSGSIEY
SEFIASAIDRTILLSRERMERAFKMFDKDGSGKISTKELFKLFSQADSSIQMEELESIIEQVDNNKDGEVDFNEFVEMLQ
NFVRNE
;
_entity_poly.pdbx_strand_id   A
#
loop_
_chem_comp.id
_chem_comp.type
_chem_comp.name
_chem_comp.formula
BK3 non-polymer 3-(naphthalen-1-ylmethyl)-1-(piperidin-4-ylmethyl)-1H-pyrazolo[3,4-d]pyrimidin-4-amine 'C22 H24 N6'
CA non-polymer 'CALCIUM ION' 'Ca 2'
#
# COMPACT_ATOMS: atom_id res chain seq x y z
N LEU A 14 -2.25 23.21 26.81
CA LEU A 14 -1.94 22.81 25.40
C LEU A 14 -1.23 23.91 24.57
N TYR A 15 -1.03 25.09 25.15
CA TYR A 15 -0.43 26.25 24.43
C TYR A 15 0.99 25.95 23.92
N PHE A 16 1.88 25.46 24.78
CA PHE A 16 3.27 25.13 24.37
C PHE A 16 3.48 23.73 23.76
N GLN A 17 2.46 23.15 23.13
CA GLN A 17 2.59 21.84 22.48
C GLN A 17 2.09 21.91 21.04
N GLY A 18 2.94 21.54 20.08
CA GLY A 18 2.53 21.49 18.66
C GLY A 18 2.11 20.08 18.27
N THR A 19 1.26 19.93 17.27
CA THR A 19 0.80 18.59 16.87
C THR A 19 1.97 17.72 16.44
N PHE A 20 2.67 18.11 15.36
CA PHE A 20 3.79 17.33 14.88
C PHE A 20 4.88 17.23 15.94
N ALA A 21 5.35 18.38 16.41
CA ALA A 21 6.49 18.42 17.31
C ALA A 21 6.28 17.68 18.65
N GLU A 22 5.05 17.59 19.14
CA GLU A 22 4.75 16.87 20.38
C GLU A 22 4.91 15.38 20.18
N ARG A 23 4.52 14.91 19.00
CA ARG A 23 4.44 13.48 18.74
C ARG A 23 5.74 12.89 18.17
N TYR A 24 6.46 13.71 17.41
CA TYR A 24 7.60 13.25 16.62
C TYR A 24 8.85 14.10 16.75
N ASN A 25 9.98 13.39 16.75
CA ASN A 25 11.29 13.98 16.72
C ASN A 25 11.86 13.75 15.33
N ILE A 26 12.50 14.77 14.77
CA ILE A 26 13.15 14.60 13.46
C ILE A 26 14.53 14.01 13.64
N VAL A 27 14.87 13.00 12.84
CA VAL A 27 16.15 12.30 12.97
C VAL A 27 17.14 12.81 11.90
N CYS A 28 16.75 12.72 10.63
CA CYS A 28 17.61 13.17 9.54
C CYS A 28 16.83 13.45 8.26
N MET A 29 17.46 14.18 7.33
CA MET A 29 16.93 14.40 5.98
C MET A 29 17.03 13.09 5.17
N LEU A 30 16.03 12.83 4.31
CA LEU A 30 16.03 11.68 3.39
C LEU A 30 16.02 12.06 1.89
N GLY A 31 15.42 13.20 1.54
CA GLY A 31 15.26 13.58 0.15
C GLY A 31 14.61 14.94 0.02
N LYS A 32 14.78 15.56 -1.13
CA LYS A 32 14.25 16.90 -1.40
C LYS A 32 13.60 16.86 -2.78
N GLY A 33 12.48 17.58 -2.95
CA GLY A 33 11.96 17.82 -4.31
C GLY A 33 10.45 17.74 -4.58
N SER A 34 9.75 16.76 -4.00
CA SER A 34 8.37 16.48 -4.41
C SER A 34 7.33 17.35 -3.66
N PHE A 35 7.38 18.66 -3.92
CA PHE A 35 6.61 19.69 -3.17
C PHE A 35 7.24 20.07 -1.83
N GLY A 36 8.31 19.38 -1.45
CA GLY A 36 8.95 19.61 -0.17
C GLY A 36 9.90 18.50 0.21
N GLU A 37 10.54 18.66 1.36
CA GLU A 37 11.57 17.73 1.79
C GLU A 37 10.97 16.51 2.48
N VAL A 38 11.68 15.39 2.40
CA VAL A 38 11.30 14.16 3.11
C VAL A 38 12.35 13.91 4.20
N LEU A 39 11.87 13.75 5.43
CA LEU A 39 12.71 13.52 6.60
C LEU A 39 12.34 12.19 7.23
N LYS A 40 13.28 11.59 7.95
CA LYS A 40 12.94 10.50 8.85
C LYS A 40 12.58 11.10 10.18
N CYS A 41 11.51 10.60 10.78
CA CYS A 41 11.13 11.07 12.11
C CYS A 41 10.82 9.86 12.98
N LYS A 42 10.75 10.10 14.28
CA LYS A 42 10.57 9.06 15.26
C LYS A 42 9.44 9.45 16.20
N ASP A 43 8.50 8.53 16.41
CA ASP A 43 7.47 8.74 17.41
C ASP A 43 8.11 8.77 18.81
N ARG A 44 7.87 9.85 19.55
CA ARG A 44 8.55 10.05 20.84
C ARG A 44 8.14 9.01 21.90
N ILE A 45 6.94 8.44 21.77
CA ILE A 45 6.47 7.43 22.75
C ILE A 45 6.86 6.01 22.31
N THR A 46 6.53 5.67 21.07
CA THR A 46 6.72 4.29 20.60
C THR A 46 8.14 4.04 20.08
N GLN A 47 8.85 5.11 19.73
CA GLN A 47 10.20 5.03 19.13
CA GLN A 47 10.19 5.05 19.13
C GLN A 47 10.16 4.46 17.71
N GLN A 48 8.96 4.24 17.16
CA GLN A 48 8.83 3.78 15.78
C GLN A 48 9.21 4.89 14.80
N GLU A 49 9.83 4.50 13.71
CA GLU A 49 10.34 5.43 12.71
C GLU A 49 9.41 5.54 11.50
N TYR A 50 9.30 6.76 10.99
CA TYR A 50 8.46 7.08 9.86
C TYR A 50 9.18 7.99 8.89
N ALA A 51 8.63 8.11 7.69
CA ALA A 51 9.02 9.16 6.76
C ALA A 51 7.96 10.26 6.84
N VAL A 52 8.40 11.52 6.76
CA VAL A 52 7.50 12.65 6.80
C VAL A 52 7.86 13.60 5.68
N LYS A 53 6.87 13.97 4.89
CA LYS A 53 7.04 14.99 3.86
C LYS A 53 6.57 16.30 4.43
N VAL A 54 7.43 17.30 4.34
CA VAL A 54 7.18 18.60 4.90
C VAL A 54 6.99 19.56 3.74
N ILE A 55 5.81 20.18 3.71
CA ILE A 55 5.41 21.05 2.59
C ILE A 55 5.12 22.43 3.14
N ASN A 56 5.76 23.45 2.58
CA ASN A 56 5.57 24.79 3.05
C ASN A 56 4.16 25.27 2.64
N LYS A 57 3.44 25.86 3.60
CA LYS A 57 2.10 26.35 3.32
C LYS A 57 2.12 27.56 2.37
N ALA A 58 2.90 28.58 2.70
CA ALA A 58 2.87 29.86 2.00
C ALA A 58 3.48 29.83 0.62
N SER A 59 4.56 29.07 0.46
CA SER A 59 5.20 28.86 -0.85
C SER A 59 4.40 27.94 -1.76
N ALA A 60 3.81 26.90 -1.17
CA ALA A 60 3.40 25.76 -1.95
C ALA A 60 1.89 25.61 -2.17
N LYS A 61 1.07 26.11 -1.24
CA LYS A 61 -0.38 25.93 -1.33
C LYS A 61 -0.95 26.48 -2.64
N ASN A 62 -1.76 25.65 -3.28
CA ASN A 62 -2.50 26.06 -4.46
C ASN A 62 -4.02 26.02 -4.22
N LYS A 63 -4.40 25.47 -3.06
CA LYS A 63 -5.81 25.34 -2.65
C LYS A 63 -5.94 25.70 -1.17
N ASP A 64 -7.16 26.01 -0.73
CA ASP A 64 -7.45 26.24 0.69
C ASP A 64 -7.05 25.02 1.51
N THR A 65 -6.84 25.20 2.83
CA THR A 65 -6.43 24.08 3.67
C THR A 65 -7.51 22.99 3.71
N SER A 66 -8.79 23.40 3.76
CA SER A 66 -9.91 22.44 3.82
C SER A 66 -9.94 21.49 2.61
N THR A 67 -9.69 22.01 1.41
CA THR A 67 -9.52 21.17 0.23
C THR A 67 -8.37 20.20 0.35
N ILE A 68 -7.24 20.70 0.85
CA ILE A 68 -6.03 19.90 0.95
C ILE A 68 -6.25 18.75 1.94
N LEU A 69 -6.80 19.08 3.10
CA LEU A 69 -7.06 18.07 4.11
C LEU A 69 -8.05 17.01 3.59
N ARG A 70 -9.05 17.42 2.82
CA ARG A 70 -10.00 16.47 2.21
C ARG A 70 -9.34 15.49 1.26
N GLU A 71 -8.51 16.01 0.34
CA GLU A 71 -7.80 15.15 -0.61
C GLU A 71 -6.72 14.30 0.04
N VAL A 72 -6.02 14.82 1.05
CA VAL A 72 -5.05 13.98 1.74
C VAL A 72 -5.76 12.89 2.52
N GLU A 73 -6.93 13.19 3.09
CA GLU A 73 -7.71 12.14 3.75
C GLU A 73 -8.03 10.96 2.80
N LEU A 74 -8.39 11.25 1.55
CA LEU A 74 -8.60 10.18 0.58
C LEU A 74 -7.32 9.36 0.38
N LEU A 75 -6.18 10.03 0.36
CA LEU A 75 -4.91 9.32 0.18
C LEU A 75 -4.61 8.42 1.39
N LYS A 76 -4.93 8.90 2.58
CA LYS A 76 -4.77 8.12 3.83
C LYS A 76 -5.58 6.82 3.83
N LYS A 77 -6.75 6.84 3.18
CA LYS A 77 -7.63 5.67 3.12
C LYS A 77 -7.21 4.63 2.08
N LEU A 78 -6.33 4.97 1.17
CA LEU A 78 -5.82 3.96 0.22
C LEU A 78 -5.12 2.86 1.05
N ASP A 79 -5.56 1.61 0.88
CA ASP A 79 -5.09 0.46 1.67
C ASP A 79 -4.77 -0.69 0.73
N HIS A 80 -3.53 -0.71 0.24
CA HIS A 80 -3.11 -1.68 -0.77
C HIS A 80 -1.62 -1.94 -0.54
N PRO A 81 -1.18 -3.20 -0.64
CA PRO A 81 0.18 -3.50 -0.24
C PRO A 81 1.27 -2.93 -1.15
N ASN A 82 0.90 -2.43 -2.33
CA ASN A 82 1.87 -1.82 -3.22
C ASN A 82 1.72 -0.32 -3.40
N ILE A 83 1.02 0.31 -2.48
CA ILE A 83 0.83 1.77 -2.52
C ILE A 83 1.33 2.31 -1.19
N MET A 84 2.05 3.44 -1.26
CA MET A 84 2.55 4.17 -0.10
CA MET A 84 2.57 4.10 -0.07
C MET A 84 1.47 4.26 0.97
N LYS A 85 1.79 3.86 2.20
CA LYS A 85 0.87 4.03 3.31
C LYS A 85 1.06 5.39 3.98
N LEU A 86 0.00 6.18 4.07
CA LEU A 86 0.08 7.48 4.78
C LEU A 86 -0.74 7.35 6.05
N PHE A 87 -0.17 7.80 7.17
CA PHE A 87 -0.76 7.71 8.48
C PHE A 87 -1.48 8.98 8.91
N GLU A 88 -0.86 10.15 8.68
CA GLU A 88 -1.50 11.42 9.04
C GLU A 88 -0.95 12.66 8.36
N ILE A 89 -1.75 13.72 8.42
CA ILE A 89 -1.30 15.03 7.99
C ILE A 89 -1.53 15.97 9.15
N LEU A 90 -0.44 16.59 9.60
CA LEU A 90 -0.46 17.51 10.72
C LEU A 90 0.03 18.85 10.21
N GLU A 91 -0.12 19.89 11.01
CA GLU A 91 0.26 21.21 10.53
C GLU A 91 0.70 22.10 11.66
N ASP A 92 1.57 23.04 11.31
CA ASP A 92 1.85 24.17 12.15
C ASP A 92 1.68 25.44 11.29
N SER A 93 2.10 26.59 11.79
CA SER A 93 1.89 27.85 11.09
C SER A 93 2.62 27.95 9.74
N SER A 94 3.67 27.16 9.51
CA SER A 94 4.45 27.25 8.25
C SER A 94 4.25 26.06 7.32
N SER A 95 3.89 24.90 7.86
CA SER A 95 4.00 23.65 7.09
C SER A 95 2.88 22.67 7.31
N PHE A 96 2.70 21.82 6.30
CA PHE A 96 2.02 20.55 6.41
C PHE A 96 3.06 19.47 6.61
N TYR A 97 2.76 18.52 7.49
CA TYR A 97 3.59 17.34 7.70
C TYR A 97 2.82 16.08 7.35
N ILE A 98 3.20 15.41 6.25
CA ILE A 98 2.48 14.22 5.85
C ILE A 98 3.32 13.02 6.28
N VAL A 99 2.81 12.25 7.23
CA VAL A 99 3.62 11.20 7.86
C VAL A 99 3.22 9.86 7.26
N GLY A 100 4.23 9.09 6.87
CA GLY A 100 3.99 7.82 6.18
C GLY A 100 4.97 6.75 6.60
N GLU A 101 4.75 5.56 6.06
CA GLU A 101 5.61 4.43 6.30
C GLU A 101 6.98 4.66 5.67
N LEU A 102 8.02 4.30 6.39
CA LEU A 102 9.38 4.45 5.96
C LEU A 102 9.78 3.19 5.19
N TYR A 103 10.22 3.35 3.96
CA TYR A 103 10.74 2.22 3.18
C TYR A 103 12.26 2.40 3.03
N THR A 104 13.01 1.31 3.16
CA THR A 104 14.46 1.38 3.27
C THR A 104 15.23 0.68 2.14
N GLY A 105 14.52 0.15 1.14
CA GLY A 105 15.17 -0.60 0.05
C GLY A 105 15.55 0.26 -1.17
N GLY A 106 15.22 1.55 -1.14
CA GLY A 106 15.58 2.47 -2.23
C GLY A 106 14.70 2.34 -3.46
N GLU A 107 15.07 3.07 -4.52
CA GLU A 107 14.29 3.11 -5.74
C GLU A 107 14.46 1.83 -6.57
N LEU A 108 13.38 1.37 -7.20
CA LEU A 108 13.46 0.32 -8.23
C LEU A 108 14.51 0.64 -9.26
N PHE A 109 14.68 1.92 -9.55
CA PHE A 109 15.71 2.36 -10.46
C PHE A 109 17.08 1.73 -10.17
N ASP A 110 17.50 1.76 -8.91
CA ASP A 110 18.81 1.20 -8.57
C ASP A 110 18.88 -0.30 -8.72
N GLU A 111 17.77 -0.99 -8.49
CA GLU A 111 17.72 -2.43 -8.74
C GLU A 111 17.88 -2.72 -10.24
N ILE A 112 17.31 -1.88 -11.11
CA ILE A 112 17.61 -2.00 -12.55
C ILE A 112 19.09 -1.86 -12.82
N ILE A 113 19.73 -0.87 -12.21
CA ILE A 113 21.15 -0.64 -12.45
C ILE A 113 22.01 -1.83 -12.00
N LYS A 114 21.74 -2.31 -10.79
CA LYS A 114 22.49 -3.44 -10.22
C LYS A 114 22.34 -4.71 -11.07
N ARG A 115 21.12 -5.00 -11.49
CA ARG A 115 20.82 -6.28 -12.13
CA ARG A 115 20.78 -6.27 -12.12
C ARG A 115 20.93 -6.22 -13.64
N LYS A 116 20.87 -5.01 -14.21
CA LYS A 116 20.95 -4.75 -15.66
C LYS A 116 19.64 -5.13 -16.36
N ARG A 117 19.24 -6.38 -16.22
CA ARG A 117 17.89 -6.76 -16.61
C ARG A 117 17.45 -8.04 -15.88
N PHE A 118 16.17 -8.36 -16.02
CA PHE A 118 15.52 -9.36 -15.18
C PHE A 118 15.01 -10.52 -16.01
N SER A 119 15.04 -11.73 -15.44
CA SER A 119 14.42 -12.88 -16.10
C SER A 119 12.93 -12.61 -16.21
N GLU A 120 12.24 -13.33 -17.07
CA GLU A 120 10.79 -13.14 -17.17
C GLU A 120 10.10 -13.35 -15.82
N HIS A 121 10.50 -14.38 -15.10
CA HIS A 121 9.97 -14.65 -13.76
C HIS A 121 10.09 -13.46 -12.80
N ASP A 122 11.27 -12.84 -12.74
CA ASP A 122 11.55 -11.75 -11.76
C ASP A 122 10.86 -10.44 -12.17
N ALA A 123 10.88 -10.17 -13.47
CA ALA A 123 10.14 -9.05 -14.07
C ALA A 123 8.64 -9.14 -13.80
N ALA A 124 8.06 -10.34 -13.98
CA ALA A 124 6.63 -10.57 -13.75
C ALA A 124 6.20 -10.28 -12.32
N ARG A 125 6.97 -10.77 -11.36
CA ARG A 125 6.76 -10.53 -9.94
C ARG A 125 6.79 -9.02 -9.59
N ILE A 126 7.76 -8.28 -10.12
CA ILE A 126 7.83 -6.84 -9.93
C ILE A 126 6.65 -6.12 -10.61
N ILE A 127 6.44 -6.37 -11.91
CA ILE A 127 5.49 -5.58 -12.65
C ILE A 127 4.06 -5.92 -12.25
N LYS A 128 3.83 -7.14 -11.79
CA LYS A 128 2.54 -7.53 -11.24
C LYS A 128 2.10 -6.61 -10.08
N GLN A 129 3.04 -6.29 -9.21
CA GLN A 129 2.79 -5.43 -8.06
C GLN A 129 2.50 -4.01 -8.52
N VAL A 130 3.25 -3.54 -9.52
CA VAL A 130 2.98 -2.24 -10.14
C VAL A 130 1.55 -2.21 -10.71
N PHE A 131 1.16 -3.28 -11.42
CA PHE A 131 -0.17 -3.37 -12.03
C PHE A 131 -1.24 -3.39 -10.95
N SER A 132 -0.99 -4.12 -9.87
CA SER A 132 -1.97 -4.25 -8.81
C SER A 132 -2.21 -2.89 -8.16
N GLY A 133 -1.12 -2.18 -7.91
CA GLY A 133 -1.15 -0.86 -7.32
C GLY A 133 -1.89 0.15 -8.17
N ILE A 134 -1.51 0.23 -9.45
CA ILE A 134 -2.15 1.14 -10.39
C ILE A 134 -3.62 0.82 -10.61
N THR A 135 -3.96 -0.46 -10.69
CA THR A 135 -5.36 -0.89 -10.75
C THR A 135 -6.16 -0.35 -9.58
N TYR A 136 -5.63 -0.49 -8.37
CA TYR A 136 -6.30 -0.02 -7.19
C TYR A 136 -6.44 1.52 -7.24
N MET A 137 -5.38 2.19 -7.67
CA MET A 137 -5.40 3.67 -7.80
C MET A 137 -6.50 4.13 -8.75
N HIS A 138 -6.53 3.54 -9.93
CA HIS A 138 -7.53 3.88 -10.94
C HIS A 138 -8.96 3.61 -10.47
N LYS A 139 -9.17 2.50 -9.74
CA LYS A 139 -10.51 2.22 -9.17
C LYS A 139 -10.93 3.31 -8.18
N HIS A 140 -9.96 3.99 -7.57
CA HIS A 140 -10.23 5.08 -6.63
C HIS A 140 -10.06 6.46 -7.27
N ASN A 141 -10.18 6.50 -8.60
CA ASN A 141 -10.09 7.72 -9.37
C ASN A 141 -8.81 8.53 -9.14
N ILE A 142 -7.68 7.85 -8.97
CA ILE A 142 -6.40 8.53 -8.83
C ILE A 142 -5.48 8.08 -10.00
N VAL A 143 -4.93 9.05 -10.71
CA VAL A 143 -3.95 8.80 -11.77
C VAL A 143 -2.59 9.19 -11.22
N HIS A 144 -1.55 8.40 -11.51
CA HIS A 144 -0.24 8.67 -10.97
C HIS A 144 0.38 9.91 -11.61
N ARG A 145 0.44 9.93 -12.95
CA ARG A 145 0.98 11.00 -13.77
C ARG A 145 2.48 10.95 -14.03
N ASP A 146 3.25 10.34 -13.12
CA ASP A 146 4.71 10.36 -13.22
C ASP A 146 5.30 9.02 -12.79
N LEU A 147 4.70 7.95 -13.28
CA LEU A 147 5.13 6.61 -12.88
C LEU A 147 6.47 6.31 -13.57
N LYS A 148 7.46 5.96 -12.76
CA LYS A 148 8.80 5.63 -13.21
C LYS A 148 9.52 4.90 -12.06
N PRO A 149 10.64 4.24 -12.38
CA PRO A 149 11.30 3.46 -11.33
C PRO A 149 11.80 4.27 -10.13
N GLU A 150 12.02 5.56 -10.32
CA GLU A 150 12.40 6.45 -9.23
C GLU A 150 11.28 6.71 -8.23
N ASN A 151 10.02 6.48 -8.64
CA ASN A 151 8.86 6.69 -7.76
C ASN A 151 8.24 5.37 -7.33
N ILE A 152 9.03 4.31 -7.38
CA ILE A 152 8.65 3.04 -6.85
C ILE A 152 9.76 2.64 -5.90
N LEU A 153 9.42 2.38 -4.63
CA LEU A 153 10.43 2.06 -3.64
C LEU A 153 10.34 0.60 -3.22
N LEU A 154 11.48 0.02 -2.90
CA LEU A 154 11.52 -1.30 -2.31
C LEU A 154 11.29 -1.13 -0.81
N GLU A 155 10.42 -1.95 -0.24
CA GLU A 155 10.04 -1.83 1.19
C GLU A 155 11.21 -1.97 2.15
N SER A 156 12.14 -2.86 1.83
CA SER A 156 13.25 -3.14 2.71
C SER A 156 14.37 -3.65 1.86
N LYS A 157 15.43 -4.15 2.50
CA LYS A 157 16.50 -4.81 1.75
C LYS A 157 16.32 -6.33 1.64
N GLU A 158 15.20 -6.89 2.11
CA GLU A 158 14.97 -8.35 2.04
C GLU A 158 14.64 -8.80 0.62
N LYS A 159 15.01 -10.03 0.29
CA LYS A 159 14.79 -10.55 -1.06
C LYS A 159 13.30 -10.57 -1.38
N ASP A 160 12.95 -10.14 -2.58
CA ASP A 160 11.58 -10.12 -3.06
C ASP A 160 10.59 -9.54 -2.05
N CYS A 161 10.97 -8.43 -1.40
CA CYS A 161 10.03 -7.66 -0.60
C CYS A 161 9.05 -7.00 -1.54
N ASP A 162 7.95 -6.47 -0.98
CA ASP A 162 6.97 -5.72 -1.73
C ASP A 162 7.55 -4.39 -2.26
N ILE A 163 7.08 -3.95 -3.42
CA ILE A 163 7.38 -2.62 -3.94
C ILE A 163 6.25 -1.69 -3.55
N LYS A 164 6.56 -0.41 -3.52
CA LYS A 164 5.65 0.62 -3.03
C LYS A 164 5.67 1.81 -3.98
N ILE A 165 4.54 2.08 -4.59
CA ILE A 165 4.37 3.25 -5.43
C ILE A 165 4.26 4.48 -4.55
N ILE A 166 5.07 5.50 -4.86
CA ILE A 166 5.09 6.72 -4.08
C ILE A 166 4.84 7.94 -4.95
N ASP A 167 4.72 9.11 -4.33
CA ASP A 167 4.80 10.44 -5.02
C ASP A 167 3.73 10.63 -6.09
N PHE A 168 2.49 10.61 -5.64
CA PHE A 168 1.34 10.95 -6.49
C PHE A 168 0.27 11.58 -5.62
N GLY A 169 -0.72 12.18 -6.25
CA GLY A 169 -1.91 12.62 -5.54
C GLY A 169 -1.88 14.04 -5.01
N LEU A 170 -0.73 14.73 -5.05
CA LEU A 170 -0.67 16.07 -4.44
C LEU A 170 -0.71 17.21 -5.46
N SER A 171 -0.81 16.89 -6.75
CA SER A 171 -0.48 17.86 -7.83
C SER A 171 -1.47 19.00 -8.04
N THR A 172 -2.73 18.80 -7.65
CA THR A 172 -3.73 19.87 -7.70
C THR A 172 -3.65 20.79 -6.48
N CYS A 173 -3.21 20.22 -5.36
CA CYS A 173 -3.16 20.92 -4.07
C CYS A 173 -1.97 21.88 -3.90
N PHE A 174 -0.81 21.47 -4.41
CA PHE A 174 0.45 22.17 -4.19
C PHE A 174 1.14 22.51 -5.51
N GLN A 175 1.78 23.69 -5.57
CA GLN A 175 2.64 24.05 -6.68
C GLN A 175 4.10 23.62 -6.39
N GLN A 176 4.76 23.04 -7.40
CA GLN A 176 6.14 22.55 -7.31
CA GLN A 176 6.15 22.58 -7.24
C GLN A 176 7.15 23.67 -7.60
N ASN A 177 8.41 23.46 -7.21
CA ASN A 177 9.51 24.37 -7.55
C ASN A 177 9.56 24.75 -9.03
N ASP A 182 15.31 19.97 -12.75
CA ASP A 182 15.21 19.18 -13.98
C ASP A 182 15.84 17.80 -13.78
N ARG A 183 15.01 16.81 -13.49
CA ARG A 183 15.48 15.46 -13.17
C ARG A 183 15.70 14.59 -14.41
N ILE A 184 16.80 13.83 -14.37
CA ILE A 184 17.31 13.11 -15.54
C ILE A 184 16.50 11.84 -15.80
N GLY A 185 15.94 11.72 -17.00
CA GLY A 185 15.35 10.48 -17.48
C GLY A 185 13.83 10.37 -17.44
N THR A 186 13.15 11.41 -16.96
CA THR A 186 11.68 11.37 -16.91
C THR A 186 11.07 11.22 -18.32
N ALA A 187 11.74 11.78 -19.33
CA ALA A 187 11.30 11.70 -20.73
C ALA A 187 11.04 10.29 -21.22
N TYR A 188 11.82 9.32 -20.74
CA TYR A 188 11.70 7.94 -21.19
C TYR A 188 10.27 7.34 -21.00
N TYR A 189 9.52 7.82 -20.02
CA TYR A 189 8.35 7.08 -19.51
C TYR A 189 6.98 7.69 -19.91
N ILE A 190 7.00 8.89 -20.46
CA ILE A 190 5.78 9.63 -20.72
C ILE A 190 5.14 9.14 -22.01
N ALA A 191 3.82 9.10 -21.99
CA ALA A 191 3.00 8.62 -23.09
C ALA A 191 2.92 9.75 -24.12
N PRO A 192 2.68 9.41 -25.41
CA PRO A 192 2.70 10.48 -26.41
C PRO A 192 1.65 11.55 -26.18
N GLU A 193 0.49 11.15 -25.70
CA GLU A 193 -0.58 12.11 -25.44
C GLU A 193 -0.24 13.13 -24.33
N VAL A 194 0.69 12.80 -23.45
CA VAL A 194 1.19 13.76 -22.45
C VAL A 194 1.88 14.94 -23.13
N LEU A 195 2.55 14.72 -24.27
CA LEU A 195 3.13 15.82 -25.04
C LEU A 195 2.05 16.77 -25.59
N ARG A 196 0.80 16.30 -25.62
CA ARG A 196 -0.36 17.13 -26.02
C ARG A 196 -1.15 17.72 -24.84
N GLY A 197 -0.54 17.75 -23.65
CA GLY A 197 -1.22 18.24 -22.46
C GLY A 197 -2.43 17.39 -22.12
N THR A 198 -2.24 16.08 -21.98
CA THR A 198 -3.26 15.18 -21.41
C THR A 198 -2.61 14.11 -20.51
N TYR A 199 -3.10 13.99 -19.28
CA TYR A 199 -2.77 12.90 -18.36
C TYR A 199 -4.07 12.21 -17.99
N ASP A 200 -4.23 10.94 -18.39
CA ASP A 200 -5.43 10.15 -18.03
C ASP A 200 -4.96 8.77 -17.55
N GLU A 201 -5.87 7.88 -17.16
CA GLU A 201 -5.48 6.60 -16.56
CA GLU A 201 -5.52 6.56 -16.60
C GLU A 201 -4.57 5.82 -17.53
N LYS A 202 -4.85 5.92 -18.82
CA LYS A 202 -4.06 5.21 -19.83
C LYS A 202 -2.62 5.64 -19.91
N CYS A 203 -2.29 6.86 -19.48
CA CYS A 203 -0.88 7.28 -19.49
CA CYS A 203 -0.88 7.31 -19.46
C CYS A 203 -0.07 6.48 -18.46
N ASP A 204 -0.72 6.07 -17.36
CA ASP A 204 -0.05 5.21 -16.33
C ASP A 204 0.26 3.83 -16.90
N VAL A 205 -0.65 3.28 -17.73
CA VAL A 205 -0.41 2.00 -18.40
C VAL A 205 0.80 2.07 -19.36
N TRP A 206 0.87 3.13 -20.17
CA TRP A 206 2.04 3.34 -21.02
C TRP A 206 3.32 3.38 -20.18
N SER A 207 3.38 4.24 -19.15
CA SER A 207 4.57 4.32 -18.34
C SER A 207 4.97 2.96 -17.79
N ALA A 208 3.97 2.18 -17.35
CA ALA A 208 4.25 0.85 -16.81
C ALA A 208 4.84 -0.06 -17.85
N GLY A 209 4.43 0.10 -19.12
CA GLY A 209 4.89 -0.75 -20.19
C GLY A 209 6.33 -0.40 -20.55
N VAL A 210 6.66 0.89 -20.45
CA VAL A 210 8.02 1.34 -20.61
C VAL A 210 8.88 0.71 -19.52
N ILE A 211 8.43 0.75 -18.28
CA ILE A 211 9.13 0.09 -17.19
C ILE A 211 9.37 -1.41 -17.53
N LEU A 212 8.33 -2.10 -17.95
CA LEU A 212 8.44 -3.54 -18.24
C LEU A 212 9.39 -3.78 -19.39
N TYR A 213 9.30 -2.97 -20.44
CA TYR A 213 10.29 -3.05 -21.52
C TYR A 213 11.72 -2.94 -20.96
N ILE A 214 11.94 -2.01 -20.05
CA ILE A 214 13.23 -1.84 -19.43
C ILE A 214 13.63 -3.03 -18.52
N LEU A 215 12.70 -3.56 -17.74
CA LEU A 215 13.03 -4.69 -16.90
C LEU A 215 13.53 -5.87 -17.73
N LEU A 216 12.90 -6.15 -18.87
CA LEU A 216 13.24 -7.33 -19.67
C LEU A 216 14.48 -7.16 -20.57
N SER A 217 14.70 -5.95 -21.06
CA SER A 217 15.80 -5.71 -22.01
C SER A 217 16.92 -4.86 -21.46
N GLY A 218 16.66 -4.11 -20.39
CA GLY A 218 17.66 -3.24 -19.79
C GLY A 218 17.84 -1.92 -20.51
N THR A 219 16.97 -1.61 -21.46
CA THR A 219 17.15 -0.46 -22.34
C THR A 219 15.79 0.16 -22.62
N PRO A 220 15.70 1.51 -22.70
CA PRO A 220 14.37 2.10 -22.89
C PRO A 220 13.87 1.86 -24.31
N PRO A 221 12.56 1.68 -24.49
CA PRO A 221 12.01 1.50 -25.84
C PRO A 221 12.23 2.73 -26.73
N PHE A 222 12.13 3.91 -26.15
CA PHE A 222 12.29 5.17 -26.88
C PHE A 222 13.54 5.78 -26.28
N TYR A 223 14.67 5.60 -26.96
N TYR A 223 14.64 5.66 -27.02
CA TYR A 223 16.00 5.90 -26.39
CA TYR A 223 15.98 5.91 -26.51
C TYR A 223 16.76 6.95 -27.20
C TYR A 223 16.60 7.14 -27.13
N GLY A 224 17.68 7.63 -26.51
CA GLY A 224 18.48 8.70 -27.08
C GLY A 224 19.51 9.20 -26.07
N LYS A 225 20.43 10.04 -26.54
CA LYS A 225 21.54 10.53 -25.72
C LYS A 225 21.17 11.78 -24.92
N ASN A 226 20.03 12.38 -25.26
CA ASN A 226 19.58 13.62 -24.63
C ASN A 226 18.07 13.69 -24.71
N GLU A 227 17.47 14.64 -24.00
CA GLU A 227 16.03 14.74 -23.92
C GLU A 227 15.38 15.08 -25.27
N TYR A 228 16.09 15.77 -26.15
CA TYR A 228 15.53 16.15 -27.46
C TYR A 228 15.18 14.94 -28.30
N ASP A 229 16.17 14.06 -28.51
CA ASP A 229 16.00 12.89 -29.36
C ASP A 229 15.02 11.85 -28.77
N ILE A 230 14.99 11.72 -27.45
CA ILE A 230 14.09 10.79 -26.78
C ILE A 230 12.64 11.16 -27.08
N LEU A 231 12.31 12.45 -26.91
CA LEU A 231 10.95 12.96 -27.10
C LEU A 231 10.49 12.84 -28.56
N LYS A 232 11.42 12.95 -29.50
CA LYS A 232 11.10 12.76 -30.93
C LYS A 232 10.53 11.39 -31.18
N ARG A 233 11.15 10.36 -30.59
CA ARG A 233 10.72 8.97 -30.78
CA ARG A 233 10.69 8.99 -30.82
C ARG A 233 9.43 8.65 -30.03
N VAL A 234 9.32 9.14 -28.80
CA VAL A 234 8.08 8.92 -28.03
C VAL A 234 6.89 9.42 -28.81
N GLU A 235 7.05 10.59 -29.42
CA GLU A 235 6.01 11.25 -30.19
C GLU A 235 5.42 10.38 -31.32
N THR A 236 6.29 9.60 -31.95
CA THR A 236 5.93 8.75 -33.08
C THR A 236 5.29 7.45 -32.57
N GLY A 237 5.58 7.11 -31.32
CA GLY A 237 5.14 5.87 -30.72
C GLY A 237 5.86 4.65 -31.24
N LYS A 238 6.89 4.88 -32.06
CA LYS A 238 7.64 3.83 -32.74
C LYS A 238 8.72 3.24 -31.85
N TYR A 239 8.62 1.95 -31.60
CA TYR A 239 9.61 1.17 -30.87
C TYR A 239 9.68 -0.21 -31.55
N ALA A 240 10.67 -1.00 -31.18
CA ALA A 240 10.80 -2.34 -31.73
C ALA A 240 11.40 -3.26 -30.68
N PHE A 241 11.29 -4.56 -30.95
CA PHE A 241 11.93 -5.60 -30.17
C PHE A 241 13.09 -6.10 -30.99
N ASP A 242 13.97 -5.18 -31.36
CA ASP A 242 15.05 -5.44 -32.30
C ASP A 242 16.39 -5.83 -31.65
N LEU A 243 16.63 -5.28 -30.46
CA LEU A 243 17.81 -5.60 -29.66
C LEU A 243 17.97 -7.13 -29.57
N PRO A 244 19.21 -7.63 -29.58
CA PRO A 244 19.44 -9.08 -29.62
C PRO A 244 18.78 -9.85 -28.49
N GLN A 245 18.67 -9.24 -27.32
CA GLN A 245 18.14 -9.91 -26.14
C GLN A 245 16.66 -10.24 -26.26
N TRP A 246 15.94 -9.60 -27.17
CA TRP A 246 14.51 -9.86 -27.34
C TRP A 246 14.19 -11.18 -28.02
N ARG A 247 15.18 -11.81 -28.66
CA ARG A 247 14.93 -13.06 -29.38
C ARG A 247 14.67 -14.24 -28.44
N THR A 248 15.19 -14.18 -27.21
CA THR A 248 14.93 -15.20 -26.20
C THR A 248 13.87 -14.77 -25.16
N ILE A 249 13.07 -13.74 -25.46
CA ILE A 249 11.94 -13.39 -24.57
C ILE A 249 10.63 -13.87 -25.20
N SER A 250 9.70 -14.35 -24.38
CA SER A 250 8.51 -15.05 -24.86
C SER A 250 7.61 -14.15 -25.69
N ASP A 251 6.90 -14.72 -26.65
CA ASP A 251 5.90 -13.96 -27.39
C ASP A 251 4.82 -13.38 -26.48
N ASP A 252 4.50 -14.08 -25.39
CA ASP A 252 3.54 -13.61 -24.39
C ASP A 252 3.90 -12.28 -23.75
N ALA A 253 5.17 -12.12 -23.37
CA ALA A 253 5.67 -10.86 -22.79
C ALA A 253 5.62 -9.73 -23.79
N LYS A 254 5.97 -10.04 -25.04
CA LYS A 254 5.92 -9.07 -26.15
C LYS A 254 4.47 -8.66 -26.42
N ASP A 255 3.53 -9.61 -26.28
CA ASP A 255 2.12 -9.31 -26.49
C ASP A 255 1.59 -8.30 -25.46
N LEU A 256 1.93 -8.53 -24.18
CA LEU A 256 1.57 -7.60 -23.12
C LEU A 256 2.14 -6.20 -23.41
N ILE A 257 3.44 -6.13 -23.68
CA ILE A 257 4.10 -4.87 -23.99
C ILE A 257 3.41 -4.11 -25.14
N ARG A 258 3.14 -4.81 -26.23
CA ARG A 258 2.43 -4.22 -27.38
C ARG A 258 1.08 -3.67 -26.99
N LYS A 259 0.37 -4.39 -26.12
CA LYS A 259 -0.93 -3.92 -25.64
C LYS A 259 -0.84 -2.66 -24.77
N MET A 260 0.26 -2.52 -24.02
CA MET A 260 0.50 -1.39 -23.14
C MET A 260 1.04 -0.15 -23.90
N LEU A 261 1.87 -0.38 -24.90
CA LEU A 261 2.46 0.70 -25.69
C LEU A 261 1.69 0.90 -27.01
N THR A 262 0.38 0.69 -26.96
CA THR A 262 -0.50 1.00 -28.09
C THR A 262 -0.58 2.50 -28.16
N PHE A 263 -0.43 3.07 -29.34
CA PHE A 263 -0.35 4.53 -29.50
C PHE A 263 -1.63 5.25 -29.06
N HIS A 264 -2.78 4.81 -29.56
CA HIS A 264 -4.06 5.43 -29.21
C HIS A 264 -4.51 4.95 -27.84
N PRO A 265 -4.73 5.89 -26.88
CA PRO A 265 -5.10 5.45 -25.55
C PRO A 265 -6.43 4.69 -25.49
N SER A 266 -7.34 4.97 -26.43
CA SER A 266 -8.63 4.28 -26.43
C SER A 266 -8.50 2.79 -26.80
N LEU A 267 -7.41 2.43 -27.47
CA LEU A 267 -7.15 1.02 -27.84
C LEU A 267 -6.18 0.37 -26.84
N ARG A 268 -5.58 1.16 -25.98
CA ARG A 268 -4.57 0.70 -25.05
C ARG A 268 -5.32 -0.06 -23.94
N ILE A 269 -4.70 -1.10 -23.38
CA ILE A 269 -5.40 -1.89 -22.36
C ILE A 269 -5.45 -1.14 -21.02
N THR A 270 -6.35 -1.57 -20.15
CA THR A 270 -6.57 -0.94 -18.85
C THR A 270 -5.58 -1.57 -17.91
N ALA A 271 -5.47 -1.04 -16.69
CA ALA A 271 -4.55 -1.64 -15.71
C ALA A 271 -5.02 -3.04 -15.31
N THR A 272 -6.31 -3.22 -15.14
CA THR A 272 -6.88 -4.52 -14.78
C THR A 272 -6.51 -5.56 -15.81
N GLN A 273 -6.48 -5.16 -17.07
CA GLN A 273 -6.17 -6.06 -18.17
C GLN A 273 -4.70 -6.43 -18.12
N CYS A 274 -3.87 -5.47 -17.72
CA CYS A 274 -2.48 -5.74 -17.44
C CYS A 274 -2.35 -6.81 -16.38
N LEU A 275 -2.95 -6.56 -15.23
CA LEU A 275 -2.92 -7.48 -14.08
C LEU A 275 -3.40 -8.89 -14.45
N GLU A 276 -4.43 -8.95 -15.29
CA GLU A 276 -5.03 -10.24 -15.69
C GLU A 276 -4.34 -10.94 -16.86
N HIS A 277 -3.29 -10.34 -17.45
CA HIS A 277 -2.72 -10.87 -18.69
C HIS A 277 -2.12 -12.25 -18.48
N PRO A 278 -2.28 -13.16 -19.45
CA PRO A 278 -1.77 -14.52 -19.27
C PRO A 278 -0.31 -14.66 -18.82
N TRP A 279 0.57 -13.81 -19.33
CA TRP A 279 1.99 -13.80 -18.93
C TRP A 279 2.19 -13.51 -17.45
N ILE A 280 1.34 -12.67 -16.87
CA ILE A 280 1.38 -12.37 -15.44
C ILE A 280 0.91 -13.57 -14.65
N GLN A 281 -0.20 -14.15 -15.07
CA GLN A 281 -0.79 -15.28 -14.34
C GLN A 281 0.15 -16.49 -14.30
N LYS A 282 0.86 -16.72 -15.41
CA LYS A 282 1.87 -17.78 -15.51
C LYS A 282 2.96 -17.70 -14.43
N TYR A 283 3.31 -16.48 -13.99
CA TYR A 283 4.35 -16.27 -12.96
C TYR A 283 3.80 -15.77 -11.61
N SER A 284 2.59 -16.21 -11.26
CA SER A 284 2.02 -15.84 -9.97
C SER A 284 1.21 -17.04 -9.51
N SER A 285 1.94 -18.08 -9.16
CA SER A 285 1.34 -19.36 -8.75
C SER A 285 1.40 -19.50 -7.23
N GLU A 286 1.78 -18.41 -6.55
CA GLU A 286 1.92 -18.39 -5.08
C GLU A 286 0.63 -18.83 -4.37
N THR A 287 0.75 -19.86 -3.54
CA THR A 287 -0.40 -20.54 -2.96
C THR A 287 0.00 -21.25 -1.67
N PRO A 288 -0.96 -21.43 -0.75
CA PRO A 288 -0.64 -22.08 0.51
C PRO A 288 0.03 -23.47 0.30
N THR A 289 1.10 -23.72 1.05
CA THR A 289 1.78 -25.01 1.08
C THR A 289 1.82 -25.52 2.52
N ILE A 290 2.31 -26.76 2.69
CA ILE A 290 2.47 -27.39 4.02
C ILE A 290 3.28 -26.57 5.04
N SER A 291 4.29 -25.85 4.51
CA SER A 291 5.08 -24.93 5.33
C SER A 291 4.27 -23.74 5.88
N ASP A 292 3.19 -23.35 5.20
CA ASP A 292 2.36 -22.22 5.65
C ASP A 292 1.35 -22.56 6.78
N LEU A 293 1.23 -23.83 7.14
CA LEU A 293 0.16 -24.28 8.05
C LEU A 293 0.23 -23.69 9.47
N PRO A 294 1.43 -23.60 10.07
CA PRO A 294 1.50 -22.93 11.37
C PRO A 294 1.01 -21.50 11.28
N SER A 295 1.37 -20.83 10.17
CA SER A 295 0.97 -19.46 9.91
C SER A 295 -0.55 -19.33 9.69
N LEU A 296 -1.12 -20.29 8.98
CA LEU A 296 -2.56 -20.26 8.70
C LEU A 296 -3.35 -20.55 9.96
N GLU A 297 -2.89 -21.50 10.77
CA GLU A 297 -3.57 -21.85 12.02
C GLU A 297 -3.55 -20.69 13.02
N SER A 298 -2.42 -20.00 13.13
CA SER A 298 -2.35 -18.77 13.92
C SER A 298 -3.40 -17.76 13.46
N ALA A 299 -3.39 -17.44 12.17
CA ALA A 299 -4.35 -16.50 11.58
C ALA A 299 -5.81 -16.89 11.84
N MET A 300 -6.13 -18.18 11.70
CA MET A 300 -7.51 -18.64 11.88
C MET A 300 -8.00 -18.52 13.31
N THR A 301 -7.16 -18.88 14.27
CA THR A 301 -7.49 -18.70 15.68
C THR A 301 -7.86 -17.24 15.95
N ASN A 302 -7.00 -16.33 15.50
CA ASN A 302 -7.16 -14.90 15.77
C ASN A 302 -8.38 -14.29 15.09
N ILE A 303 -8.63 -14.68 13.84
CA ILE A 303 -9.80 -14.20 13.11
C ILE A 303 -11.12 -14.70 13.73
N ARG A 304 -11.11 -15.92 14.27
CA ARG A 304 -12.28 -16.47 14.96
C ARG A 304 -12.59 -15.67 16.24
N GLN A 305 -11.54 -15.37 17.01
CA GLN A 305 -11.68 -14.52 18.19
C GLN A 305 -12.26 -13.16 17.81
N PHE A 306 -11.70 -12.56 16.74
CA PHE A 306 -12.15 -11.26 16.23
C PHE A 306 -13.62 -11.26 15.80
N GLN A 307 -14.07 -12.36 15.21
CA GLN A 307 -15.49 -12.53 14.88
C GLN A 307 -16.37 -12.49 16.12
N ALA A 308 -15.94 -13.18 17.17
CA ALA A 308 -16.71 -13.25 18.42
C ALA A 308 -16.76 -11.91 19.17
N GLU A 309 -15.72 -11.08 19.01
CA GLU A 309 -15.62 -9.82 19.74
C GLU A 309 -16.65 -8.78 19.31
N LYS A 310 -17.09 -7.98 20.27
CA LYS A 310 -18.08 -6.94 20.02
C LYS A 310 -17.55 -5.93 19.00
N LYS A 311 -18.46 -5.31 18.25
CA LYS A 311 -18.08 -4.36 17.19
C LYS A 311 -17.25 -3.15 17.70
N LEU A 312 -17.45 -2.75 18.95
CA LEU A 312 -16.62 -1.72 19.59
C LEU A 312 -15.19 -2.21 19.73
N ALA A 313 -15.03 -3.47 20.13
CA ALA A 313 -13.73 -4.13 20.18
C ALA A 313 -13.13 -4.24 18.76
N GLN A 314 -13.92 -4.79 17.85
CA GLN A 314 -13.56 -4.96 16.44
C GLN A 314 -13.13 -3.66 15.76
N ALA A 315 -13.85 -2.58 16.02
CA ALA A 315 -13.50 -1.26 15.48
C ALA A 315 -12.21 -0.69 16.10
N ALA A 316 -12.08 -0.83 17.42
CA ALA A 316 -10.91 -0.32 18.15
C ALA A 316 -9.61 -1.06 17.78
N LEU A 317 -9.72 -2.34 17.43
CA LEU A 317 -8.52 -3.13 17.07
C LEU A 317 -8.02 -2.79 15.66
N LEU A 318 -8.96 -2.56 14.74
CA LEU A 318 -8.63 -2.12 13.37
C LEU A 318 -7.90 -0.80 13.35
N TYR A 319 -8.29 0.14 14.21
CA TYR A 319 -7.55 1.39 14.36
C TYR A 319 -6.11 1.13 14.80
N MET A 320 -5.93 0.32 15.83
CA MET A 320 -4.61 0.04 16.39
C MET A 320 -3.65 -0.66 15.40
N ALA A 321 -4.15 -1.64 14.67
CA ALA A 321 -3.33 -2.46 13.76
C ALA A 321 -2.90 -1.69 12.51
N SER A 322 -3.80 -0.86 12.01
CA SER A 322 -3.57 -0.15 10.76
C SER A 322 -2.68 1.10 10.93
N LYS A 323 -2.44 1.54 12.16
CA LYS A 323 -1.67 2.78 12.42
C LYS A 323 -0.32 2.56 13.12
N LEU A 324 -0.22 1.52 13.94
CA LEU A 324 0.89 1.47 14.90
C LEU A 324 1.77 0.25 14.74
N THR A 325 1.59 -0.50 13.66
CA THR A 325 2.38 -1.72 13.45
C THR A 325 3.44 -1.48 12.38
N THR A 326 4.53 -2.25 12.48
CA THR A 326 5.69 -2.11 11.58
C THR A 326 5.77 -3.29 10.60
N LEU A 327 6.75 -3.25 9.71
CA LEU A 327 6.94 -4.28 8.68
C LEU A 327 7.34 -5.63 9.27
N ASP A 328 8.33 -5.66 10.14
CA ASP A 328 8.83 -6.92 10.72
C ASP A 328 7.69 -7.70 11.38
N GLU A 329 6.78 -6.96 12.02
CA GLU A 329 5.66 -7.58 12.73
C GLU A 329 4.59 -8.16 11.82
N THR A 330 4.36 -7.54 10.67
CA THR A 330 3.31 -8.00 9.78
C THR A 330 3.84 -8.81 8.60
N LYS A 331 5.16 -9.03 8.52
CA LYS A 331 5.77 -9.65 7.34
C LYS A 331 5.23 -11.06 7.13
N GLN A 332 5.03 -11.78 8.23
CA GLN A 332 4.41 -13.11 8.19
C GLN A 332 2.97 -13.12 7.64
N LEU A 333 2.13 -12.26 8.22
CA LEU A 333 0.75 -12.16 7.79
C LEU A 333 0.70 -11.63 6.36
N THR A 334 1.67 -10.82 5.98
CA THR A 334 1.74 -10.30 4.61
C THR A 334 1.96 -11.40 3.56
N GLU A 335 2.80 -12.37 3.86
CA GLU A 335 3.01 -13.51 2.95
C GLU A 335 1.76 -14.39 2.80
N ILE A 336 1.08 -14.67 3.91
CA ILE A 336 -0.18 -15.39 3.90
C ILE A 336 -1.21 -14.64 3.05
N PHE A 337 -1.33 -13.35 3.29
CA PHE A 337 -2.25 -12.49 2.53
C PHE A 337 -2.01 -12.64 1.03
N ARG A 338 -0.74 -12.58 0.64
CA ARG A 338 -0.37 -12.71 -0.77
C ARG A 338 -0.75 -14.09 -1.36
N LYS A 339 -0.59 -15.14 -0.57
CA LYS A 339 -0.90 -16.49 -1.04
C LYS A 339 -2.40 -16.72 -1.15
N LEU A 340 -3.19 -15.99 -0.36
CA LEU A 340 -4.63 -16.07 -0.42
C LEU A 340 -5.20 -15.20 -1.55
N ASP A 341 -4.44 -14.16 -1.92
CA ASP A 341 -4.85 -13.20 -2.94
C ASP A 341 -4.58 -13.78 -4.34
N THR A 342 -5.37 -14.76 -4.78
CA THR A 342 -5.07 -15.47 -6.03
C THR A 342 -5.24 -14.63 -7.31
N ASN A 343 -6.12 -13.61 -7.33
CA ASN A 343 -6.12 -12.72 -8.49
C ASN A 343 -5.13 -11.53 -8.45
N ASN A 344 -4.25 -11.53 -7.46
CA ASN A 344 -3.18 -10.55 -7.35
C ASN A 344 -3.61 -9.08 -7.26
N ASP A 345 -4.87 -8.79 -6.90
CA ASP A 345 -5.35 -7.39 -6.86
C ASP A 345 -5.11 -6.66 -5.53
N GLY A 346 -4.45 -7.31 -4.56
CA GLY A 346 -4.10 -6.67 -3.28
C GLY A 346 -5.20 -6.71 -2.20
N MET A 347 -6.27 -7.45 -2.45
CA MET A 347 -7.35 -7.59 -1.46
C MET A 347 -7.95 -8.98 -1.54
N LEU A 348 -8.66 -9.39 -0.49
CA LEU A 348 -9.19 -10.76 -0.41
C LEU A 348 -10.70 -10.68 -0.55
N ASP A 349 -11.24 -11.35 -1.57
CA ASP A 349 -12.69 -11.40 -1.71
C ASP A 349 -13.23 -12.67 -1.10
N ARG A 350 -14.55 -12.75 -1.04
CA ARG A 350 -15.26 -13.89 -0.44
C ARG A 350 -14.76 -15.25 -0.96
N ASP A 351 -14.69 -15.40 -2.28
CA ASP A 351 -14.29 -16.69 -2.85
C ASP A 351 -12.83 -17.02 -2.50
N GLU A 352 -11.97 -16.02 -2.42
CA GLU A 352 -10.57 -16.26 -2.07
C GLU A 352 -10.47 -16.79 -0.63
N LEU A 353 -11.30 -16.30 0.27
CA LEU A 353 -11.31 -16.79 1.64
C LEU A 353 -11.87 -18.21 1.76
N VAL A 354 -12.89 -18.51 0.96
CA VAL A 354 -13.48 -19.83 0.88
C VAL A 354 -12.46 -20.83 0.33
N ARG A 355 -11.83 -20.48 -0.79
CA ARG A 355 -10.80 -21.34 -1.37
C ARG A 355 -9.60 -21.52 -0.42
N GLY A 356 -9.21 -20.45 0.25
CA GLY A 356 -8.13 -20.51 1.24
C GLY A 356 -8.42 -21.42 2.42
N TYR A 357 -9.65 -21.37 2.93
CA TYR A 357 -10.06 -22.27 4.01
C TYR A 357 -10.01 -23.73 3.51
N HIS A 358 -10.55 -23.98 2.31
CA HIS A 358 -10.56 -25.39 1.78
C HIS A 358 -9.16 -25.88 1.62
N GLU A 359 -8.28 -25.02 1.12
CA GLU A 359 -6.89 -25.40 0.90
C GLU A 359 -6.17 -25.64 2.23
N PHE A 360 -6.45 -24.79 3.22
CA PHE A 360 -5.90 -25.01 4.57
C PHE A 360 -6.26 -26.42 5.10
N MET A 361 -7.52 -26.82 4.90
CA MET A 361 -7.99 -28.13 5.35
C MET A 361 -7.32 -29.26 4.56
N ARG A 362 -7.25 -29.12 3.24
CA ARG A 362 -6.67 -30.16 2.40
C ARG A 362 -5.22 -30.43 2.81
N LEU A 363 -4.44 -29.33 2.89
CA LEU A 363 -3.03 -29.42 3.26
C LEU A 363 -2.86 -30.07 4.63
N LYS A 364 -3.83 -29.88 5.50
CA LYS A 364 -3.78 -30.38 6.86
C LYS A 364 -4.20 -31.86 6.96
N GLY A 365 -4.78 -32.40 5.87
CA GLY A 365 -5.22 -33.80 5.84
C GLY A 365 -6.65 -33.98 6.32
N VAL A 366 -7.41 -32.90 6.36
CA VAL A 366 -8.76 -32.89 6.95
C VAL A 366 -9.81 -32.67 5.89
N ASP A 367 -10.86 -33.49 5.91
CA ASP A 367 -11.97 -33.39 4.96
C ASP A 367 -12.93 -32.26 5.37
N SER A 368 -13.15 -31.31 4.45
CA SER A 368 -14.02 -30.15 4.71
C SER A 368 -15.51 -30.48 4.89
N ASN A 369 -15.96 -31.61 4.35
CA ASN A 369 -17.35 -32.07 4.52
C ASN A 369 -17.71 -32.38 5.98
N SER A 370 -16.68 -32.62 6.79
CA SER A 370 -16.86 -32.98 8.20
C SER A 370 -16.96 -31.77 9.16
N LEU A 371 -16.80 -30.56 8.64
CA LEU A 371 -16.98 -29.34 9.45
C LEU A 371 -18.44 -29.08 9.81
N ILE A 372 -19.37 -29.67 9.06
CA ILE A 372 -20.80 -29.47 9.30
C ILE A 372 -21.29 -30.14 10.60
N GLN A 373 -20.55 -31.17 11.06
CA GLN A 373 -20.88 -31.87 12.31
C GLN A 373 -20.06 -31.39 13.53
N ASN A 374 -18.77 -31.09 13.30
CA ASN A 374 -17.85 -30.68 14.37
C ASN A 374 -18.08 -29.25 14.85
N GLU A 375 -18.15 -28.32 13.89
CA GLU A 375 -18.33 -26.89 14.18
C GLU A 375 -19.79 -26.44 13.99
N GLY A 376 -20.55 -27.16 13.18
CA GLY A 376 -21.97 -26.88 12.96
C GLY A 376 -22.31 -26.16 11.66
N SER A 377 -21.32 -25.87 10.82
CA SER A 377 -21.58 -25.20 9.54
C SER A 377 -20.41 -25.31 8.53
N THR A 378 -20.74 -25.21 7.25
CA THR A 378 -19.77 -25.45 6.19
C THR A 378 -18.81 -24.27 6.09
N ILE A 379 -17.73 -24.47 5.35
CA ILE A 379 -16.74 -23.43 5.16
C ILE A 379 -17.37 -22.18 4.52
N GLU A 380 -18.26 -22.39 3.56
CA GLU A 380 -18.93 -21.30 2.85
C GLU A 380 -19.83 -20.49 3.80
N ASP A 381 -20.59 -21.16 4.65
CA ASP A 381 -21.42 -20.46 5.64
C ASP A 381 -20.56 -19.69 6.63
N GLN A 382 -19.44 -20.27 7.05
CA GLN A 382 -18.49 -19.60 7.95
C GLN A 382 -17.93 -18.31 7.37
N ILE A 383 -17.41 -18.38 6.15
CA ILE A 383 -16.90 -17.18 5.50
C ILE A 383 -18.03 -16.16 5.30
N ASP A 384 -19.18 -16.60 4.80
CA ASP A 384 -20.29 -15.66 4.58
C ASP A 384 -20.75 -14.90 5.83
N SER A 385 -20.71 -15.55 7.00
CA SER A 385 -21.02 -14.86 8.26
C SER A 385 -19.88 -13.93 8.70
N LEU A 386 -18.64 -14.26 8.31
CA LEU A 386 -17.47 -13.50 8.69
C LEU A 386 -17.33 -12.20 7.90
N MET A 387 -17.67 -12.24 6.60
CA MET A 387 -17.45 -11.11 5.70
C MET A 387 -17.96 -9.79 6.27
N PRO A 388 -19.22 -9.72 6.72
CA PRO A 388 -19.72 -8.45 7.24
C PRO A 388 -18.96 -7.94 8.47
N LEU A 389 -18.33 -8.84 9.22
CA LEU A 389 -17.60 -8.48 10.43
C LEU A 389 -16.17 -8.00 10.11
N LEU A 390 -15.56 -8.60 9.09
CA LEU A 390 -14.20 -8.29 8.64
C LEU A 390 -14.13 -7.10 7.69
N ASP A 391 -15.10 -7.01 6.80
CA ASP A 391 -15.15 -5.94 5.82
C ASP A 391 -15.81 -4.77 6.48
N MET A 392 -15.04 -4.07 7.30
CA MET A 392 -15.62 -3.05 8.17
C MET A 392 -16.05 -1.77 7.45
N ASP A 393 -15.34 -1.38 6.41
CA ASP A 393 -15.79 -0.22 5.60
C ASP A 393 -16.83 -0.64 4.54
N GLY A 394 -17.19 -1.92 4.51
CA GLY A 394 -18.18 -2.44 3.54
C GLY A 394 -17.78 -2.23 2.09
N SER A 395 -16.51 -2.51 1.79
CA SER A 395 -15.93 -2.24 0.48
C SER A 395 -16.21 -3.35 -0.50
N GLY A 396 -16.63 -4.50 0.00
CA GLY A 396 -16.79 -5.67 -0.83
C GLY A 396 -15.56 -6.56 -0.80
N SER A 397 -14.49 -6.11 -0.14
CA SER A 397 -13.26 -6.90 -0.02
C SER A 397 -12.60 -6.72 1.33
N ILE A 398 -11.73 -7.67 1.68
CA ILE A 398 -10.89 -7.53 2.88
C ILE A 398 -9.58 -6.95 2.46
N GLU A 399 -9.35 -5.67 2.77
CA GLU A 399 -8.12 -5.05 2.42
C GLU A 399 -7.13 -5.44 3.49
N TYR A 400 -5.87 -5.15 3.19
CA TYR A 400 -4.75 -5.52 4.01
C TYR A 400 -4.92 -5.23 5.49
N SER A 401 -5.29 -4.01 5.86
CA SER A 401 -5.36 -3.64 7.27
C SER A 401 -6.48 -4.39 8.02
N GLU A 402 -7.61 -4.63 7.36
CA GLU A 402 -8.67 -5.45 7.94
C GLU A 402 -8.15 -6.86 8.22
N PHE A 403 -7.44 -7.45 7.24
CA PHE A 403 -6.84 -8.78 7.44
C PHE A 403 -5.86 -8.79 8.60
N ILE A 404 -4.95 -7.81 8.61
CA ILE A 404 -3.92 -7.70 9.65
C ILE A 404 -4.56 -7.51 11.01
N ALA A 405 -5.53 -6.60 11.09
CA ALA A 405 -6.28 -6.39 12.33
C ALA A 405 -6.84 -7.70 12.90
N SER A 406 -7.45 -8.51 12.04
CA SER A 406 -8.13 -9.72 12.48
C SER A 406 -7.20 -10.91 12.69
N ALA A 407 -6.02 -10.90 12.05
CA ALA A 407 -5.12 -12.07 12.04
C ALA A 407 -3.89 -11.94 12.90
N ILE A 408 -3.61 -10.73 13.40
CA ILE A 408 -2.43 -10.52 14.21
C ILE A 408 -2.68 -10.97 15.65
N ASP A 409 -1.60 -11.38 16.32
CA ASP A 409 -1.62 -11.68 17.74
C ASP A 409 -2.13 -10.45 18.51
N ARG A 410 -3.27 -10.62 19.18
CA ARG A 410 -3.92 -9.55 19.93
C ARG A 410 -3.01 -8.96 21.02
N THR A 411 -2.06 -9.75 21.52
CA THR A 411 -1.14 -9.31 22.56
C THR A 411 -0.06 -8.36 22.02
N ILE A 412 0.50 -8.70 20.86
CA ILE A 412 1.59 -7.92 20.24
C ILE A 412 1.15 -6.49 19.98
N LEU A 413 -0.10 -6.33 19.57
CA LEU A 413 -0.74 -5.02 19.44
C LEU A 413 -0.68 -4.16 20.71
N LEU A 414 -0.57 -4.80 21.87
CA LEU A 414 -0.63 -4.10 23.16
C LEU A 414 0.72 -4.04 23.90
N SER A 415 1.72 -3.37 23.32
CA SER A 415 2.82 -2.91 24.16
C SER A 415 2.27 -1.71 24.90
N ARG A 416 2.84 -1.38 26.06
CA ARG A 416 2.39 -0.19 26.79
C ARG A 416 2.52 1.06 25.91
N GLU A 417 3.62 1.15 25.17
CA GLU A 417 3.87 2.30 24.30
C GLU A 417 2.79 2.47 23.21
N ARG A 418 2.32 1.37 22.63
CA ARG A 418 1.23 1.46 21.64
C ARG A 418 -0.11 1.88 22.23
N MET A 419 -0.42 1.41 23.44
CA MET A 419 -1.62 1.85 24.12
C MET A 419 -1.52 3.32 24.50
N GLU A 420 -0.34 3.76 24.95
CA GLU A 420 -0.13 5.17 25.31
C GLU A 420 -0.43 6.08 24.13
N ARG A 421 0.08 5.71 22.95
CA ARG A 421 -0.10 6.51 21.75
C ARG A 421 -1.56 6.49 21.30
N ALA A 422 -2.17 5.32 21.32
CA ALA A 422 -3.61 5.23 21.01
C ALA A 422 -4.44 6.06 21.99
N PHE A 423 -4.01 6.17 23.25
CA PHE A 423 -4.71 7.01 24.23
C PHE A 423 -4.58 8.49 23.87
N LYS A 424 -3.37 8.92 23.51
CA LYS A 424 -3.09 10.33 23.19
C LYS A 424 -3.83 10.79 21.93
N MET A 425 -4.13 9.85 21.04
CA MET A 425 -4.85 10.16 19.81
C MET A 425 -6.30 10.54 20.08
N PHE A 426 -6.89 9.95 21.14
CA PHE A 426 -8.28 10.21 21.51
C PHE A 426 -8.44 11.39 22.46
N ASP A 427 -7.55 11.48 23.45
CA ASP A 427 -7.52 12.62 24.37
C ASP A 427 -7.10 13.87 23.59
N LYS A 428 -8.08 14.53 22.98
CA LYS A 428 -7.81 15.65 22.07
C LYS A 428 -7.65 16.99 22.79
N ASP A 429 -8.14 17.11 24.02
CA ASP A 429 -7.93 18.31 24.84
C ASP A 429 -6.77 18.15 25.83
N GLY A 430 -6.25 16.93 25.98
CA GLY A 430 -5.05 16.67 26.76
C GLY A 430 -5.20 16.78 28.27
N SER A 431 -6.39 16.45 28.78
CA SER A 431 -6.70 16.57 30.22
C SER A 431 -6.29 15.34 31.04
N GLY A 432 -5.82 14.29 30.35
CA GLY A 432 -5.40 13.05 31.01
C GLY A 432 -6.49 11.99 31.10
N LYS A 433 -7.66 12.30 30.56
CA LYS A 433 -8.83 11.42 30.66
C LYS A 433 -9.70 11.54 29.40
N ILE A 434 -10.05 10.40 28.80
CA ILE A 434 -10.94 10.38 27.63
C ILE A 434 -12.39 10.56 28.10
N SER A 435 -13.22 11.10 27.22
CA SER A 435 -14.67 11.17 27.46
C SER A 435 -15.42 10.77 26.20
N THR A 436 -16.72 11.01 26.18
CA THR A 436 -17.55 10.77 25.00
C THR A 436 -17.15 11.70 23.87
N LYS A 437 -17.77 11.52 22.69
CA LYS A 437 -17.47 12.30 21.49
C LYS A 437 -16.03 12.17 21.01
N GLU A 438 -15.06 12.31 21.93
CA GLU A 438 -13.62 12.15 21.63
C GLU A 438 -13.25 10.85 20.91
N LEU A 439 -14.14 9.84 20.99
CA LEU A 439 -14.00 8.62 20.19
C LEU A 439 -15.05 8.59 19.08
N GLU A 460 -20.55 1.80 27.71
CA GLU A 460 -19.25 1.72 27.06
C GLU A 460 -18.11 1.91 28.06
N GLN A 461 -18.09 3.04 28.76
CA GLN A 461 -17.07 3.32 29.78
C GLN A 461 -17.25 2.41 31.00
N VAL A 462 -16.13 1.87 31.51
CA VAL A 462 -16.16 0.95 32.65
C VAL A 462 -16.23 1.75 33.96
N ASP A 463 -15.22 2.60 34.17
CA ASP A 463 -15.21 3.61 35.23
C ASP A 463 -15.19 3.02 36.66
N ASN A 464 -13.98 2.89 37.22
CA ASN A 464 -13.79 2.37 38.58
C ASN A 464 -13.95 3.44 39.65
N ASN A 465 -13.48 4.67 39.37
CA ASN A 465 -13.61 5.78 40.34
C ASN A 465 -14.85 6.67 40.13
N LYS A 466 -15.59 6.44 39.05
CA LYS A 466 -16.88 7.10 38.79
C LYS A 466 -16.77 8.62 38.57
N ASP A 467 -16.09 9.03 37.50
CA ASP A 467 -16.06 10.44 37.09
C ASP A 467 -16.62 10.67 35.68
N GLY A 468 -17.15 9.61 35.07
CA GLY A 468 -17.67 9.68 33.70
C GLY A 468 -16.59 9.78 32.64
N GLU A 469 -15.37 9.39 32.99
CA GLU A 469 -14.23 9.45 32.07
C GLU A 469 -13.31 8.25 32.23
N VAL A 470 -12.49 8.04 31.20
CA VAL A 470 -11.51 6.96 31.16
C VAL A 470 -10.10 7.53 31.18
N ASP A 471 -9.44 7.46 32.34
CA ASP A 471 -8.01 7.79 32.42
C ASP A 471 -7.25 6.67 31.70
N PHE A 472 -5.92 6.70 31.73
CA PHE A 472 -5.15 5.74 30.91
C PHE A 472 -5.25 4.31 31.44
N ASN A 473 -5.19 4.17 32.77
CA ASN A 473 -5.17 2.85 33.41
C ASN A 473 -6.45 2.06 33.16
N GLU A 474 -7.59 2.76 33.07
CA GLU A 474 -8.87 2.13 32.73
C GLU A 474 -9.00 1.87 31.22
N PHE A 475 -8.36 2.70 30.41
CA PHE A 475 -8.23 2.48 28.97
C PHE A 475 -7.43 1.19 28.72
N VAL A 476 -6.34 1.02 29.47
CA VAL A 476 -5.48 -0.17 29.33
C VAL A 476 -6.23 -1.45 29.73
N GLU A 477 -7.10 -1.36 30.73
CA GLU A 477 -7.98 -2.47 31.07
C GLU A 477 -9.05 -2.65 30.00
N MET A 478 -9.65 -1.55 29.56
CA MET A 478 -10.66 -1.58 28.49
C MET A 478 -10.16 -2.34 27.26
N LEU A 479 -8.95 -1.98 26.80
CA LEU A 479 -8.33 -2.68 25.67
C LEU A 479 -7.89 -4.11 26.01
N GLN A 480 -7.50 -4.36 27.27
CA GLN A 480 -7.15 -5.73 27.72
C GLN A 480 -8.41 -6.54 28.08
N ASN A 481 -9.58 -5.91 28.02
CA ASN A 481 -10.87 -6.61 28.14
C ASN A 481 -11.40 -6.98 26.75
N PHE A 482 -11.11 -6.14 25.75
CA PHE A 482 -11.36 -6.50 24.36
C PHE A 482 -10.61 -7.80 24.02
N VAL A 483 -9.33 -7.85 24.35
CA VAL A 483 -8.50 -9.05 24.13
C VAL A 483 -9.08 -10.31 24.80
N ARG A 484 -9.82 -10.13 25.88
CA ARG A 484 -10.57 -11.22 26.51
C ARG A 484 -11.94 -11.39 25.84
CA CA B . -7.84 -10.71 -4.44
CA CA C . -13.05 -3.66 3.21
CA CA D . -9.55 14.71 27.85
CA CA E . -12.31 7.12 35.69
N1 BK3 F . 10.42 6.19 2.67
C2 BK3 F . 11.73 6.48 2.54
N3 BK3 F . 12.16 7.45 1.77
C4 BK3 F . 11.28 8.20 1.08
C5 BK3 F . 9.92 7.97 1.17
C6 BK3 F . 9.50 6.91 1.99
NAA BK3 F . 8.23 6.57 2.16
NBB BK3 F . 11.43 9.22 0.24
NAR BK3 F . 10.34 9.65 -0.21
NAS BK3 F . 14.24 9.03 -4.11
CAB BK3 F . 3.30 11.73 -0.04
CAC BK3 F . 4.10 11.12 -1.03
CAD BK3 F . 6.60 10.53 3.31
CAE BK3 F . 7.40 9.93 2.34
CAG BK3 F . 3.74 11.72 1.28
CAH BK3 F . 5.38 11.10 2.95
CAI BK3 F . 5.30 10.51 -0.66
CAJ BK3 F . 15.22 9.09 -3.04
CAK BK3 F . 13.05 8.23 -3.72
CAL BK3 F . 14.57 9.87 -1.86
CAM BK3 F . 12.41 8.80 -2.44
CAN BK3 F . 7.89 9.17 -0.05
CAO BK3 F . 12.72 9.78 -0.11
CAU BK3 F . 6.99 9.89 0.99
CAV BK3 F . 9.34 8.93 0.31
CAW BK3 F . 4.96 11.09 1.64
CAX BK3 F . 5.76 10.49 0.66
CBA BK3 F . 13.40 9.05 -1.29
#